data_7FQN
#
_entry.id   7FQN
#
_cell.length_a   89.620
_cell.length_b   89.620
_cell.length_c   106.430
_cell.angle_alpha   90.000
_cell.angle_beta   90.000
_cell.angle_gamma   120.000
#
_symmetry.space_group_name_H-M   'P 31 2 1'
#
loop_
_entity.id
_entity.type
_entity.pdbx_description
1 polymer 'Tyrosine-protein phosphatase non-receptor type 1'
2 non-polymer 2-AMINO-2-HYDROXYMETHYL-PROPANE-1,3-DIOL
3 non-polymer (1S,4R,5S,6R)-2-(methylsulfonyl)-2-azabicyclo[3.3.1]nonane-4,6-diol
4 water water
#
_entity_poly.entity_id   1
_entity_poly.type   'polypeptide(L)'
_entity_poly.pdbx_seq_one_letter_code
;MEMEKEFEQIDKSGSWAAIYQDIRHEASDFPSRVAKLPKNKNRNRYRDVSPFDHSRIKLHQEDNDYINASLIKMEEAQRS
YILTQGPLPNTVGHFWEMVWEQKSRGVVMLNRVMEKGSLKCAQYWPQKEEKEMIFEDTNLKLTLISEDIKSYYTVRQLEL
ENLTTQETREILHFHYTTWPDFGVPESPASFLNFLFKVRESGSLSPEHGPVVVHCSAGIGRSGTFCLADTCLLLMDKRKD
PSSVDIKKVLLEMRKFRMGLIQTADQLRFSYLAVIEGAKFIMGDSSVQDQWKELSHEDLEPPPEHIPPPPRPPKRILEPH
N
;
_entity_poly.pdbx_strand_id   A
#
loop_
_chem_comp.id
_chem_comp.type
_chem_comp.name
_chem_comp.formula
JKA non-polymer (1S,4R,5S,6R)-2-(methylsulfonyl)-2-azabicyclo[3.3.1]nonane-4,6-diol 'C9 H17 N O4 S'
TRS non-polymer 2-AMINO-2-HYDROXYMETHYL-PROPANE-1,3-DIOL 'C4 H12 N O3 1'
#
# COMPACT_ATOMS: atom_id res chain seq x y z
N GLU A 2 -1.98 -5.54 -26.78
CA GLU A 2 -0.86 -5.04 -25.92
C GLU A 2 -1.19 -3.66 -25.36
N MET A 3 -0.86 -3.46 -24.09
CA MET A 3 -1.20 -2.27 -23.27
C MET A 3 -0.55 -0.99 -23.82
N GLU A 4 0.66 -1.07 -24.38
CA GLU A 4 1.39 0.10 -24.96
C GLU A 4 0.53 0.75 -26.06
N LYS A 5 -0.18 -0.08 -26.83
CA LYS A 5 -1.02 0.38 -27.96
C LYS A 5 -2.35 0.88 -27.39
N GLU A 6 -2.94 0.12 -26.46
CA GLU A 6 -4.11 0.55 -25.68
C GLU A 6 -3.81 1.92 -25.03
N PHE A 7 -2.62 2.12 -24.50
CA PHE A 7 -2.14 3.39 -23.89
C PHE A 7 -2.28 4.54 -24.90
N GLU A 8 -1.68 4.37 -26.08
CA GLU A 8 -1.61 5.42 -27.14
C GLU A 8 -3.03 5.71 -27.63
N GLN A 9 -3.88 4.69 -27.76
CA GLN A 9 -5.32 4.81 -28.13
C GLN A 9 -6.06 5.69 -27.13
N ILE A 10 -6.04 5.33 -25.85
CA ILE A 10 -6.76 6.10 -24.78
C ILE A 10 -6.17 7.52 -24.73
N ASP A 11 -4.85 7.63 -24.88
CA ASP A 11 -4.15 8.94 -24.78
C ASP A 11 -4.59 9.83 -25.94
N LYS A 12 -4.37 9.37 -27.17
CA LYS A 12 -4.80 10.03 -28.43
C LYS A 12 -6.26 10.48 -28.30
N SER A 13 -7.16 9.54 -28.01
CA SER A 13 -8.62 9.79 -27.91
C SER A 13 -9.00 10.56 -26.64
N GLY A 14 -8.08 10.78 -25.68
CA GLY A 14 -8.35 11.38 -24.34
C GLY A 14 -9.51 10.70 -23.60
N SER A 15 -9.52 9.36 -23.52
CA SER A 15 -10.63 8.57 -22.93
C SER A 15 -10.32 8.10 -21.49
N TRP A 16 -9.32 8.69 -20.81
CA TRP A 16 -8.87 8.21 -19.47
C TRP A 16 -10.02 8.33 -18.47
N ALA A 17 -10.73 9.46 -18.46
CA ALA A 17 -11.87 9.66 -17.52
C ALA A 17 -12.94 8.61 -17.80
N ALA A 18 -13.10 8.20 -19.07
CA ALA A 18 -14.14 7.25 -19.51
C ALA A 18 -13.79 5.81 -19.08
N ILE A 19 -12.57 5.35 -19.37
CA ILE A 19 -12.05 4.04 -18.88
C ILE A 19 -12.25 4.01 -17.34
N TYR A 20 -11.87 5.10 -16.68
CA TYR A 20 -11.82 5.17 -15.20
C TYR A 20 -13.24 4.97 -14.65
N GLN A 21 -14.22 5.63 -15.27
CA GLN A 21 -15.66 5.51 -14.90
C GLN A 21 -16.16 4.09 -15.10
N ASP A 22 -15.77 3.38 -16.16
CA ASP A 22 -16.25 1.98 -16.37
C ASP A 22 -15.69 1.07 -15.26
N ILE A 23 -14.46 1.35 -14.81
CA ILE A 23 -13.85 0.60 -13.66
C ILE A 23 -14.66 0.87 -12.38
N ARG A 24 -14.95 2.13 -12.09
CA ARG A 24 -15.82 2.53 -10.96
C ARG A 24 -17.14 1.75 -11.00
N HIS A 25 -17.77 1.68 -12.19
N HIS A 25 -17.76 1.65 -12.19
CA HIS A 25 -19.10 1.05 -12.43
CA HIS A 25 -19.12 1.07 -12.36
C HIS A 25 -19.00 -0.45 -12.16
C HIS A 25 -19.04 -0.46 -12.22
N GLU A 26 -17.96 -1.09 -12.68
CA GLU A 26 -17.77 -2.56 -12.61
C GLU A 26 -17.24 -3.03 -11.25
N ALA A 27 -16.78 -2.12 -10.40
CA ALA A 27 -16.06 -2.47 -9.14
C ALA A 27 -17.02 -3.13 -8.14
N SER A 28 -16.51 -4.06 -7.37
CA SER A 28 -17.21 -4.88 -6.36
C SER A 28 -17.73 -3.97 -5.26
N ASP A 29 -18.79 -4.40 -4.59
CA ASP A 29 -19.35 -3.70 -3.41
C ASP A 29 -19.72 -4.75 -2.38
N PHE A 30 -19.00 -4.78 -1.27
CA PHE A 30 -19.23 -5.81 -0.24
C PHE A 30 -19.58 -5.05 1.01
N PRO A 31 -20.23 -5.70 1.97
CA PRO A 31 -20.53 -5.05 3.22
C PRO A 31 -19.24 -4.67 3.97
N SER A 32 -19.33 -3.52 4.67
N SER A 32 -19.33 -3.55 4.71
CA SER A 32 -18.32 -2.97 5.62
CA SER A 32 -18.30 -3.03 5.64
C SER A 32 -19.01 -2.65 6.95
C SER A 32 -18.99 -2.66 6.95
N ARG A 33 -19.64 -3.64 7.58
CA ARG A 33 -20.46 -3.41 8.81
C ARG A 33 -19.54 -3.14 9.99
N VAL A 34 -18.44 -3.86 10.15
CA VAL A 34 -17.60 -3.62 11.36
C VAL A 34 -17.09 -2.17 11.36
N ALA A 35 -16.63 -1.67 10.21
CA ALA A 35 -16.06 -0.30 10.03
C ALA A 35 -17.06 0.74 10.52
N LYS A 36 -18.37 0.51 10.30
CA LYS A 36 -19.44 1.53 10.53
C LYS A 36 -20.00 1.45 11.95
N LEU A 37 -19.62 0.48 12.78
CA LEU A 37 -20.07 0.45 14.19
C LEU A 37 -19.65 1.76 14.86
N PRO A 38 -20.52 2.34 15.71
CA PRO A 38 -20.23 3.60 16.41
C PRO A 38 -18.92 3.61 17.22
N LYS A 39 -18.58 2.49 17.87
CA LYS A 39 -17.34 2.37 18.65
C LYS A 39 -16.09 2.44 17.77
N ASN A 40 -16.20 2.43 16.44
CA ASN A 40 -15.03 2.38 15.54
C ASN A 40 -14.92 3.72 14.81
N LYS A 41 -15.75 4.70 15.16
CA LYS A 41 -15.82 5.96 14.39
C LYS A 41 -14.46 6.65 14.42
N ASN A 42 -13.81 6.69 15.58
CA ASN A 42 -12.51 7.39 15.72
C ASN A 42 -11.34 6.46 15.34
N ARG A 43 -11.59 5.24 14.81
CA ARG A 43 -10.51 4.40 14.25
C ARG A 43 -10.40 4.62 12.76
N ASN A 44 -11.25 5.47 12.17
CA ASN A 44 -11.26 5.73 10.71
C ASN A 44 -10.92 7.15 10.41
N ARG A 45 -9.99 7.36 9.47
CA ARG A 45 -9.55 8.70 9.08
C ARG A 45 -10.62 9.32 8.20
N TYR A 46 -11.19 8.59 7.24
CA TYR A 46 -12.21 9.10 6.28
C TYR A 46 -13.45 8.21 6.43
N ARG A 47 -14.61 8.86 6.50
CA ARG A 47 -15.89 8.17 6.76
C ARG A 47 -16.29 7.42 5.49
N ASP A 48 -15.80 7.80 4.31
CA ASP A 48 -16.17 7.08 3.03
C ASP A 48 -15.08 6.06 2.60
N VAL A 49 -14.09 5.75 3.45
CA VAL A 49 -13.06 4.72 3.11
C VAL A 49 -13.01 3.66 4.19
N SER A 50 -13.54 2.49 3.88
CA SER A 50 -13.81 1.43 4.86
C SER A 50 -13.29 0.13 4.31
N PRO A 51 -12.70 -0.74 5.16
CA PRO A 51 -12.38 -2.08 4.69
C PRO A 51 -13.68 -2.91 4.60
N PHE A 52 -13.76 -3.78 3.62
CA PHE A 52 -14.81 -4.82 3.52
C PHE A 52 -14.63 -5.76 4.72
N ASP A 53 -15.74 -6.28 5.25
CA ASP A 53 -15.69 -7.25 6.39
C ASP A 53 -14.93 -8.51 5.96
N HIS A 54 -15.04 -8.95 4.72
CA HIS A 54 -14.50 -10.28 4.32
C HIS A 54 -12.96 -10.28 4.32
N SER A 55 -12.32 -9.13 4.06
CA SER A 55 -10.87 -9.03 3.78
C SER A 55 -10.18 -8.16 4.86
N ARG A 56 -10.87 -7.77 5.91
CA ARG A 56 -10.32 -6.80 6.91
C ARG A 56 -9.33 -7.54 7.78
N ILE A 57 -8.28 -6.86 8.21
CA ILE A 57 -7.30 -7.39 9.19
C ILE A 57 -7.91 -7.23 10.57
N LYS A 58 -7.88 -8.30 11.34
CA LYS A 58 -8.34 -8.31 12.74
C LYS A 58 -7.12 -8.23 13.64
N LEU A 59 -7.14 -7.30 14.58
CA LEU A 59 -6.18 -7.29 15.71
C LEU A 59 -6.51 -8.47 16.63
N HIS A 60 -5.49 -9.13 17.20
CA HIS A 60 -5.67 -10.16 18.26
C HIS A 60 -5.81 -9.53 19.65
N GLN A 61 -6.64 -8.50 19.87
CA GLN A 61 -6.93 -7.91 21.21
C GLN A 61 -8.43 -8.14 21.43
N GLU A 62 -8.84 -8.70 22.58
CA GLU A 62 -10.21 -9.23 22.82
C GLU A 62 -11.24 -8.09 22.87
N ASP A 63 -10.80 -6.91 23.33
CA ASP A 63 -11.64 -5.70 23.48
C ASP A 63 -12.27 -5.33 22.12
N ASN A 64 -11.47 -4.81 21.19
CA ASN A 64 -11.91 -4.30 19.87
C ASN A 64 -10.87 -4.71 18.84
N ASP A 65 -11.23 -5.51 17.84
CA ASP A 65 -10.26 -6.12 16.91
C ASP A 65 -10.10 -5.25 15.65
N TYR A 66 -10.70 -4.07 15.63
CA TYR A 66 -10.85 -3.27 14.41
C TYR A 66 -9.62 -2.38 14.11
N ILE A 67 -9.17 -2.47 12.85
CA ILE A 67 -8.23 -1.49 12.25
C ILE A 67 -8.70 -1.29 10.82
N ASN A 68 -8.57 -0.08 10.31
CA ASN A 68 -8.85 0.22 8.91
C ASN A 68 -7.68 -0.32 8.07
N ALA A 69 -7.73 -1.62 7.76
CA ALA A 69 -6.73 -2.32 6.97
C ALA A 69 -7.39 -3.51 6.26
N SER A 70 -6.90 -3.82 5.06
CA SER A 70 -7.41 -4.86 4.15
C SER A 70 -6.24 -5.75 3.71
N LEU A 71 -6.49 -7.06 3.66
CA LEU A 71 -5.57 -8.02 2.99
C LEU A 71 -5.94 -8.17 1.53
N ILE A 72 -5.03 -7.80 0.62
N ILE A 72 -5.07 -7.70 0.64
CA ILE A 72 -5.19 -8.01 -0.84
CA ILE A 72 -5.12 -8.00 -0.81
C ILE A 72 -4.37 -9.23 -1.28
C ILE A 72 -4.40 -9.33 -1.00
N LYS A 73 -5.06 -10.34 -1.60
CA LYS A 73 -4.42 -11.64 -1.94
C LYS A 73 -4.49 -11.84 -3.44
N MET A 74 -3.34 -11.82 -4.12
CA MET A 74 -3.26 -12.02 -5.58
C MET A 74 -2.72 -13.44 -5.79
N GLU A 75 -3.65 -14.38 -5.92
CA GLU A 75 -3.43 -15.84 -6.01
C GLU A 75 -2.46 -16.17 -7.16
N GLU A 76 -2.75 -15.74 -8.38
CA GLU A 76 -1.85 -16.10 -9.49
C GLU A 76 -0.44 -15.54 -9.27
N ALA A 77 -0.26 -14.32 -8.72
CA ALA A 77 1.09 -13.71 -8.60
C ALA A 77 1.80 -14.19 -7.33
N GLN A 78 1.08 -14.87 -6.44
N GLN A 78 1.09 -14.91 -6.47
CA GLN A 78 1.59 -15.34 -5.12
CA GLN A 78 1.54 -15.34 -5.10
C GLN A 78 2.12 -14.13 -4.35
C GLN A 78 2.14 -14.12 -4.39
N ARG A 79 1.36 -13.03 -4.36
CA ARG A 79 1.72 -11.80 -3.63
C ARG A 79 0.52 -11.44 -2.76
N SER A 80 0.79 -11.08 -1.50
N SER A 80 0.79 -11.01 -1.52
CA SER A 80 -0.18 -10.47 -0.59
CA SER A 80 -0.23 -10.48 -0.58
C SER A 80 0.29 -9.06 -0.21
C SER A 80 0.24 -9.15 0.01
N TYR A 81 -0.65 -8.17 0.08
CA TYR A 81 -0.36 -6.81 0.60
C TYR A 81 -1.42 -6.49 1.63
N ILE A 82 -1.01 -5.81 2.69
CA ILE A 82 -1.95 -5.17 3.62
C ILE A 82 -1.96 -3.72 3.20
N LEU A 83 -3.12 -3.21 2.81
CA LEU A 83 -3.28 -1.76 2.56
C LEU A 83 -4.03 -1.18 3.76
N THR A 84 -3.60 -0.01 4.24
CA THR A 84 -4.14 0.60 5.48
C THR A 84 -4.08 2.12 5.31
N GLN A 85 -4.81 2.82 6.15
CA GLN A 85 -4.79 4.29 6.19
C GLN A 85 -3.52 4.71 6.94
N GLY A 86 -3.07 5.94 6.72
CA GLY A 86 -2.07 6.53 7.61
C GLY A 86 -2.63 6.52 9.02
N PRO A 87 -1.89 6.02 10.01
CA PRO A 87 -2.43 5.95 11.35
C PRO A 87 -2.82 7.33 11.88
N LEU A 88 -3.75 7.31 12.81
CA LEU A 88 -4.22 8.43 13.61
C LEU A 88 -3.48 8.45 14.95
N PRO A 89 -3.47 9.61 15.63
CA PRO A 89 -2.86 9.74 16.95
C PRO A 89 -3.30 8.59 17.84
N ASN A 90 -4.55 8.19 17.74
CA ASN A 90 -5.06 7.13 18.66
C ASN A 90 -4.88 5.73 18.07
N THR A 91 -4.43 5.55 16.83
CA THR A 91 -4.26 4.17 16.29
C THR A 91 -2.79 3.81 16.02
N VAL A 92 -1.84 4.63 16.46
CA VAL A 92 -0.41 4.29 16.20
C VAL A 92 -0.08 2.95 16.85
N GLY A 93 -0.60 2.71 18.04
CA GLY A 93 -0.32 1.45 18.77
C GLY A 93 -0.94 0.26 18.07
N HIS A 94 -2.13 0.45 17.48
CA HIS A 94 -2.84 -0.61 16.71
C HIS A 94 -2.05 -0.97 15.45
N PHE A 95 -1.53 0.06 14.77
CA PHE A 95 -0.75 -0.10 13.53
C PHE A 95 0.42 -1.06 13.81
N TRP A 96 1.18 -0.79 14.90
CA TRP A 96 2.39 -1.57 15.19
C TRP A 96 2.01 -2.96 15.70
N GLU A 97 0.91 -3.08 16.42
CA GLU A 97 0.35 -4.40 16.79
C GLU A 97 0.05 -5.20 15.51
N MET A 98 -0.57 -4.56 14.51
CA MET A 98 -0.88 -5.27 13.25
C MET A 98 0.43 -5.73 12.61
N VAL A 99 1.43 -4.85 12.52
CA VAL A 99 2.73 -5.23 11.89
C VAL A 99 3.32 -6.45 12.63
N TRP A 100 3.26 -6.41 13.94
CA TRP A 100 3.76 -7.51 14.78
C TRP A 100 2.97 -8.80 14.46
N GLU A 101 1.64 -8.75 14.57
CA GLU A 101 0.77 -9.95 14.50
C GLU A 101 0.84 -10.59 13.12
N GLN A 102 0.97 -9.79 12.06
CA GLN A 102 1.01 -10.32 10.68
C GLN A 102 2.42 -10.70 10.22
N LYS A 103 3.49 -10.47 11.01
CA LYS A 103 4.89 -10.92 10.66
C LYS A 103 5.42 -10.20 9.44
N SER A 104 4.90 -9.01 9.19
CA SER A 104 5.42 -8.12 8.13
C SER A 104 6.88 -7.77 8.37
N ARG A 105 7.65 -7.73 7.30
N ARG A 105 7.63 -7.66 7.29
CA ARG A 105 9.07 -7.27 7.28
CA ARG A 105 9.07 -7.30 7.27
C ARG A 105 9.11 -5.76 7.02
C ARG A 105 9.25 -5.85 6.82
N GLY A 106 8.27 -5.30 6.08
CA GLY A 106 8.36 -3.97 5.46
C GLY A 106 7.10 -3.16 5.69
N VAL A 107 7.28 -1.84 5.82
CA VAL A 107 6.22 -0.82 5.74
C VAL A 107 6.60 0.11 4.61
N VAL A 108 5.68 0.32 3.69
CA VAL A 108 5.82 1.22 2.54
C VAL A 108 4.88 2.43 2.75
N MET A 109 5.45 3.62 2.86
CA MET A 109 4.75 4.88 3.11
C MET A 109 4.91 5.76 1.89
N LEU A 110 3.80 6.22 1.32
CA LEU A 110 3.82 6.91 0.02
C LEU A 110 3.38 8.37 0.17
N ASN A 111 3.29 8.87 1.39
CA ASN A 111 2.87 10.29 1.64
C ASN A 111 3.89 10.94 2.59
N ARG A 112 3.88 12.27 2.66
CA ARG A 112 4.56 13.06 3.72
C ARG A 112 3.57 13.22 4.85
N VAL A 113 4.07 13.42 6.05
CA VAL A 113 3.22 13.64 7.25
C VAL A 113 2.35 14.89 7.06
N MET A 114 2.90 15.91 6.43
CA MET A 114 2.10 17.13 6.11
C MET A 114 2.13 17.32 4.60
N GLU A 115 0.95 17.41 4.01
CA GLU A 115 0.82 17.79 2.58
C GLU A 115 -0.32 18.82 2.49
N LYS A 116 -0.22 19.78 1.58
CA LYS A 116 -1.26 20.84 1.40
C LYS A 116 -1.56 21.54 2.72
N GLY A 117 -0.57 21.71 3.60
CA GLY A 117 -0.68 22.37 4.91
C GLY A 117 -1.56 21.69 5.94
N SER A 118 -1.91 20.41 5.76
CA SER A 118 -2.72 19.60 6.71
C SER A 118 -1.98 18.29 7.06
N LEU A 119 -2.29 17.71 8.19
CA LEU A 119 -1.61 16.45 8.60
C LEU A 119 -2.36 15.29 7.93
N LYS A 120 -1.63 14.47 7.21
CA LYS A 120 -2.17 13.32 6.44
C LYS A 120 -1.99 12.01 7.22
N CYS A 121 -1.23 12.06 8.32
CA CYS A 121 -0.70 10.89 9.02
C CYS A 121 -0.04 11.31 10.35
N ALA A 122 -0.18 10.54 11.40
CA ALA A 122 0.60 10.70 12.65
C ALA A 122 2.07 10.32 12.39
N GLN A 123 2.93 10.96 13.14
CA GLN A 123 4.38 10.67 13.20
C GLN A 123 4.47 9.36 13.98
N TYR A 124 4.50 8.19 13.31
CA TYR A 124 4.35 6.88 14.00
C TYR A 124 5.70 6.14 14.19
N TRP A 125 6.82 6.75 13.80
CA TRP A 125 8.17 6.16 14.02
C TRP A 125 9.09 7.20 14.66
N PRO A 126 10.17 6.78 15.34
CA PRO A 126 11.07 7.74 16.00
C PRO A 126 11.99 8.47 15.05
N GLN A 127 12.29 9.71 15.42
CA GLN A 127 13.10 10.63 14.59
C GLN A 127 14.57 10.54 14.96
N LYS A 128 14.89 10.00 16.12
CA LYS A 128 16.32 9.91 16.55
C LYS A 128 16.55 8.57 17.22
N GLU A 129 17.76 8.03 17.04
CA GLU A 129 18.18 6.74 17.65
C GLU A 129 17.86 6.74 19.16
N GLU A 130 18.17 7.83 19.84
CA GLU A 130 18.22 7.83 21.33
C GLU A 130 16.85 8.13 21.92
N LYS A 131 15.84 8.41 21.07
CA LYS A 131 14.47 8.73 21.55
C LYS A 131 13.50 7.67 21.01
N GLU A 132 13.46 6.50 21.62
CA GLU A 132 12.57 5.40 21.19
C GLU A 132 11.10 5.73 21.54
N MET A 133 10.15 4.98 20.99
CA MET A 133 8.71 5.18 21.27
C MET A 133 8.20 3.94 21.97
N ILE A 134 7.40 4.15 22.99
CA ILE A 134 6.68 3.07 23.70
C ILE A 134 5.19 3.29 23.39
N PHE A 135 4.50 2.24 23.01
CA PHE A 135 3.03 2.23 22.81
C PHE A 135 2.47 1.43 23.97
N GLU A 136 1.95 2.14 24.97
CA GLU A 136 1.51 1.53 26.27
C GLU A 136 0.30 0.63 26.02
N ASP A 137 -0.66 1.09 25.22
CA ASP A 137 -1.90 0.35 24.87
C ASP A 137 -1.52 -1.03 24.29
N THR A 138 -0.47 -1.19 23.49
CA THR A 138 -0.22 -2.48 22.82
C THR A 138 1.09 -3.12 23.29
N ASN A 139 1.80 -2.51 24.24
CA ASN A 139 2.98 -3.14 24.88
C ASN A 139 4.10 -3.40 23.88
N LEU A 140 4.42 -2.38 23.09
CA LEU A 140 5.47 -2.48 22.07
C LEU A 140 6.39 -1.28 22.23
N LYS A 141 7.65 -1.52 21.92
CA LYS A 141 8.68 -0.48 21.85
C LYS A 141 9.26 -0.50 20.45
N LEU A 142 9.50 0.70 19.93
CA LEU A 142 10.05 0.90 18.58
C LEU A 142 11.28 1.82 18.70
N THR A 143 12.38 1.41 18.07
CA THR A 143 13.67 2.16 18.06
C THR A 143 14.18 2.33 16.64
N LEU A 144 14.56 3.54 16.28
CA LEU A 144 15.28 3.82 15.04
C LEU A 144 16.74 3.34 15.20
N ILE A 145 17.17 2.46 14.30
CA ILE A 145 18.50 1.82 14.27
C ILE A 145 19.34 2.61 13.26
N SER A 146 18.80 2.91 12.11
CA SER A 146 19.54 3.66 11.07
C SER A 146 18.54 4.23 10.06
N GLU A 147 19.01 5.19 9.30
CA GLU A 147 18.20 6.03 8.42
C GLU A 147 19.10 6.38 7.23
N ASP A 148 18.74 5.97 6.03
CA ASP A 148 19.47 6.26 4.78
C ASP A 148 18.61 7.17 3.92
N ILE A 149 18.92 8.47 3.89
CA ILE A 149 18.12 9.49 3.17
C ILE A 149 18.68 9.63 1.77
N LYS A 150 17.89 9.41 0.73
CA LYS A 150 18.26 9.61 -0.69
C LYS A 150 17.37 10.68 -1.25
N SER A 151 17.56 11.00 -2.52
CA SER A 151 16.89 12.13 -3.21
C SER A 151 15.38 11.94 -3.16
N TYR A 152 14.90 10.74 -3.51
CA TYR A 152 13.48 10.46 -3.82
C TYR A 152 12.84 9.66 -2.68
N TYR A 153 13.63 9.03 -1.81
CA TYR A 153 13.09 8.14 -0.76
C TYR A 153 14.09 8.04 0.38
N THR A 154 13.58 7.61 1.53
CA THR A 154 14.33 7.30 2.76
C THR A 154 14.03 5.85 3.11
N VAL A 155 15.05 5.12 3.51
CA VAL A 155 14.90 3.77 4.09
C VAL A 155 15.33 3.87 5.52
N ARG A 156 14.52 3.36 6.41
CA ARG A 156 14.88 3.31 7.83
C ARG A 156 14.87 1.86 8.28
N GLN A 157 15.86 1.48 9.09
N GLN A 157 15.78 1.55 9.20
CA GLN A 157 15.85 0.22 9.87
CA GLN A 157 15.90 0.25 9.90
C GLN A 157 15.28 0.54 11.25
C GLN A 157 15.36 0.46 11.31
N LEU A 158 14.30 -0.26 11.69
CA LEU A 158 13.64 -0.09 12.98
C LEU A 158 13.72 -1.41 13.71
N GLU A 159 13.73 -1.35 15.02
CA GLU A 159 13.61 -2.56 15.85
C GLU A 159 12.29 -2.42 16.57
N LEU A 160 11.48 -3.46 16.44
CA LEU A 160 10.18 -3.55 17.11
C LEU A 160 10.34 -4.60 18.20
N GLU A 161 10.00 -4.27 19.43
CA GLU A 161 10.14 -5.18 20.57
C GLU A 161 8.78 -5.41 21.20
N ASN A 162 8.45 -6.68 21.38
CA ASN A 162 7.24 -7.10 22.12
C ASN A 162 7.63 -7.09 23.60
N LEU A 163 7.16 -6.10 24.33
CA LEU A 163 7.58 -5.87 25.74
C LEU A 163 7.07 -7.04 26.58
N THR A 164 6.01 -7.71 26.11
CA THR A 164 5.34 -8.84 26.81
C THR A 164 6.27 -10.06 26.80
N THR A 165 6.97 -10.35 25.72
CA THR A 165 7.76 -11.59 25.49
C THR A 165 9.24 -11.27 25.22
N GLN A 166 9.57 -9.99 25.08
CA GLN A 166 10.96 -9.53 24.83
C GLN A 166 11.51 -10.08 23.51
N GLU A 167 10.67 -10.59 22.60
CA GLU A 167 11.15 -10.85 21.21
C GLU A 167 11.34 -9.54 20.47
N THR A 168 12.24 -9.51 19.51
CA THR A 168 12.49 -8.29 18.72
C THR A 168 12.48 -8.69 17.25
N ARG A 169 12.03 -7.80 16.38
CA ARG A 169 12.20 -7.99 14.93
C ARG A 169 12.72 -6.71 14.33
N GLU A 170 13.42 -6.88 13.24
CA GLU A 170 13.85 -5.78 12.42
C GLU A 170 12.72 -5.50 11.39
N ILE A 171 12.26 -4.28 11.33
CA ILE A 171 11.29 -3.78 10.31
C ILE A 171 12.03 -2.78 9.42
N LEU A 172 11.81 -2.84 8.11
CA LEU A 172 12.28 -1.84 7.13
C LEU A 172 11.12 -0.88 6.78
N HIS A 173 11.38 0.40 6.86
CA HIS A 173 10.44 1.49 6.53
C HIS A 173 10.92 2.13 5.24
N PHE A 174 10.13 1.99 4.19
CA PHE A 174 10.42 2.56 2.88
C PHE A 174 9.48 3.74 2.73
N HIS A 175 10.05 4.94 2.66
CA HIS A 175 9.27 6.19 2.66
C HIS A 175 9.57 6.88 1.36
N TYR A 176 8.61 6.87 0.42
CA TYR A 176 8.73 7.63 -0.84
C TYR A 176 8.34 9.08 -0.54
N THR A 177 9.24 10.03 -0.73
CA THR A 177 9.13 11.39 -0.10
C THR A 177 8.77 12.42 -1.17
N THR A 178 8.69 12.07 -2.44
CA THR A 178 8.69 13.06 -3.54
C THR A 178 7.43 12.94 -4.38
N TRP A 179 6.44 12.20 -3.94
CA TRP A 179 5.16 12.24 -4.66
C TRP A 179 4.63 13.68 -4.55
N PRO A 180 4.26 14.35 -5.66
CA PRO A 180 3.82 15.74 -5.56
C PRO A 180 2.45 15.90 -4.86
N ASP A 181 2.25 17.07 -4.25
CA ASP A 181 1.04 17.47 -3.48
C ASP A 181 -0.20 17.31 -4.38
N PHE A 182 -0.09 17.67 -5.66
CA PHE A 182 -1.17 17.53 -6.68
C PHE A 182 -0.68 16.65 -7.84
N GLY A 183 -1.58 15.84 -8.38
CA GLY A 183 -1.34 15.02 -9.57
C GLY A 183 -0.40 13.87 -9.28
N VAL A 184 0.43 13.50 -10.25
CA VAL A 184 1.27 12.28 -10.17
C VAL A 184 2.64 12.70 -10.64
N PRO A 185 3.72 11.95 -10.34
CA PRO A 185 5.04 12.26 -10.91
C PRO A 185 5.00 12.29 -12.45
N GLU A 186 5.82 13.15 -13.07
CA GLU A 186 5.89 13.31 -14.55
C GLU A 186 6.47 12.02 -15.16
N SER A 187 7.54 11.48 -14.57
CA SER A 187 8.16 10.19 -14.98
C SER A 187 7.96 9.14 -13.88
N PRO A 188 7.67 7.88 -14.27
CA PRO A 188 7.67 6.77 -13.32
C PRO A 188 9.04 6.23 -12.91
N ALA A 189 10.12 6.82 -13.40
CA ALA A 189 11.48 6.29 -13.16
C ALA A 189 11.73 6.19 -11.67
N SER A 190 11.50 7.23 -10.87
CA SER A 190 11.93 7.18 -9.45
C SER A 190 10.99 6.24 -8.65
N PHE A 191 9.74 6.19 -9.04
CA PHE A 191 8.74 5.25 -8.46
C PHE A 191 9.19 3.79 -8.71
N LEU A 192 9.62 3.46 -9.94
CA LEU A 192 10.12 2.09 -10.29
C LEU A 192 11.37 1.74 -9.49
N ASN A 193 12.32 2.67 -9.43
N ASN A 193 12.32 2.67 -9.39
CA ASN A 193 13.55 2.52 -8.62
CA ASN A 193 13.56 2.43 -8.61
C ASN A 193 13.14 2.14 -7.19
C ASN A 193 13.20 2.19 -7.14
N PHE A 194 12.19 2.90 -6.63
CA PHE A 194 11.67 2.68 -5.27
C PHE A 194 11.06 1.28 -5.15
N LEU A 195 10.20 0.92 -6.09
CA LEU A 195 9.56 -0.45 -6.08
C LEU A 195 10.64 -1.54 -6.15
N PHE A 196 11.68 -1.42 -6.99
CA PHE A 196 12.77 -2.44 -7.06
C PHE A 196 13.55 -2.46 -5.78
N LYS A 197 13.70 -1.30 -5.13
CA LYS A 197 14.38 -1.27 -3.80
C LYS A 197 13.58 -2.08 -2.80
N VAL A 198 12.26 -1.93 -2.81
CA VAL A 198 11.43 -2.69 -1.82
C VAL A 198 11.58 -4.20 -2.12
N ARG A 199 11.49 -4.57 -3.37
CA ARG A 199 11.61 -6.00 -3.78
C ARG A 199 12.96 -6.55 -3.31
N GLU A 200 14.03 -5.81 -3.58
CA GLU A 200 15.41 -6.28 -3.28
C GLU A 200 15.57 -6.57 -1.79
N SER A 201 14.82 -5.89 -0.94
CA SER A 201 14.93 -6.02 0.52
C SER A 201 14.42 -7.36 1.02
N GLY A 202 13.59 -8.06 0.22
CA GLY A 202 12.93 -9.29 0.69
C GLY A 202 11.56 -9.03 1.34
N SER A 203 11.13 -7.78 1.46
CA SER A 203 9.91 -7.39 2.19
C SER A 203 8.64 -7.94 1.49
N LEU A 204 8.71 -8.24 0.19
CA LEU A 204 7.55 -8.70 -0.63
C LEU A 204 7.61 -10.21 -0.83
N SER A 205 8.55 -10.86 -0.15
CA SER A 205 8.76 -12.31 -0.32
C SER A 205 7.87 -13.15 0.57
N PRO A 206 7.53 -14.37 0.09
CA PRO A 206 6.62 -15.26 0.81
C PRO A 206 7.10 -15.84 2.14
N GLU A 207 8.40 -15.73 2.41
N GLU A 207 8.40 -15.71 2.45
CA GLU A 207 9.03 -16.06 3.72
CA GLU A 207 8.99 -16.10 3.75
C GLU A 207 8.35 -15.21 4.81
C GLU A 207 8.66 -15.07 4.85
N HIS A 208 8.04 -13.95 4.48
CA HIS A 208 7.56 -12.95 5.48
C HIS A 208 6.04 -12.80 5.36
N GLY A 209 5.42 -12.24 6.37
CA GLY A 209 4.06 -11.72 6.34
C GLY A 209 3.94 -10.67 5.25
N PRO A 210 2.69 -10.28 4.93
CA PRO A 210 2.45 -9.32 3.87
C PRO A 210 3.07 -7.97 4.27
N VAL A 211 3.61 -7.32 3.28
CA VAL A 211 4.07 -5.92 3.36
C VAL A 211 2.87 -5.04 3.75
N VAL A 212 3.12 -4.03 4.58
CA VAL A 212 2.09 -3.02 4.91
C VAL A 212 2.31 -1.80 4.06
N VAL A 213 1.32 -1.42 3.27
CA VAL A 213 1.40 -0.25 2.36
C VAL A 213 0.37 0.79 2.81
N HIS A 214 0.73 2.07 2.84
CA HIS A 214 -0.22 3.16 3.18
C HIS A 214 0.16 4.47 2.50
N CYS A 215 -0.85 5.29 2.30
CA CYS A 215 -0.74 6.73 1.95
C CYS A 215 -1.60 7.40 3.04
N SER A 216 -2.45 8.37 2.71
N SER A 216 -2.42 8.38 2.65
CA SER A 216 -3.36 8.94 3.74
CA SER A 216 -3.40 9.03 3.56
C SER A 216 -4.60 8.02 3.89
C SER A 216 -4.55 8.07 3.85
N ALA A 217 -5.29 7.73 2.79
CA ALA A 217 -6.49 6.84 2.83
C ALA A 217 -6.12 5.35 2.69
N GLY A 218 -4.95 5.06 2.11
CA GLY A 218 -4.60 3.67 1.72
C GLY A 218 -5.32 3.16 0.47
N ILE A 219 -5.63 4.01 -0.52
CA ILE A 219 -6.37 3.52 -1.74
C ILE A 219 -5.75 4.08 -3.03
N GLY A 220 -5.25 5.32 -3.03
CA GLY A 220 -4.78 6.02 -4.24
C GLY A 220 -3.36 5.61 -4.58
N ARG A 221 -2.40 6.30 -4.00
CA ARG A 221 -0.97 6.00 -4.22
C ARG A 221 -0.67 4.55 -3.86
N SER A 222 -1.27 4.03 -2.79
CA SER A 222 -1.09 2.65 -2.29
C SER A 222 -1.51 1.65 -3.37
N GLY A 223 -2.66 1.94 -3.94
CA GLY A 223 -3.23 1.26 -5.10
C GLY A 223 -2.24 1.13 -6.24
N THR A 224 -1.60 2.23 -6.62
N THR A 224 -1.59 2.22 -6.63
CA THR A 224 -0.65 2.31 -7.76
CA THR A 224 -0.65 2.28 -7.78
C THR A 224 0.56 1.41 -7.48
C THR A 224 0.55 1.39 -7.49
N PHE A 225 1.01 1.39 -6.23
CA PHE A 225 2.15 0.58 -5.81
C PHE A 225 1.87 -0.90 -6.06
N CYS A 226 0.78 -1.46 -5.51
N CYS A 226 0.76 -1.41 -5.51
CA CYS A 226 0.53 -2.93 -5.58
CA CYS A 226 0.39 -2.86 -5.55
C CYS A 226 -0.01 -3.33 -6.97
C CYS A 226 0.06 -3.27 -6.99
N LEU A 227 -0.68 -2.44 -7.70
CA LEU A 227 -1.06 -2.69 -9.09
C LEU A 227 0.18 -2.86 -10.00
N ALA A 228 1.14 -1.95 -9.88
CA ALA A 228 2.39 -2.01 -10.66
C ALA A 228 3.16 -3.27 -10.27
N ASP A 229 3.35 -3.54 -8.98
CA ASP A 229 4.14 -4.71 -8.56
C ASP A 229 3.51 -6.01 -9.14
N THR A 230 2.21 -6.20 -8.94
CA THR A 230 1.47 -7.42 -9.35
C THR A 230 1.54 -7.57 -10.87
N CYS A 231 1.26 -6.53 -11.64
CA CYS A 231 1.30 -6.58 -13.13
C CYS A 231 2.69 -7.00 -13.65
N LEU A 232 3.76 -6.41 -13.12
CA LEU A 232 5.14 -6.76 -13.54
C LEU A 232 5.46 -8.22 -13.19
N LEU A 233 5.02 -8.70 -12.03
N LEU A 233 5.04 -8.68 -12.02
CA LEU A 233 5.26 -10.09 -11.59
CA LEU A 233 5.23 -10.10 -11.58
C LEU A 233 4.53 -11.07 -12.54
C LEU A 233 4.54 -11.05 -12.56
N LEU A 234 3.29 -10.74 -12.93
CA LEU A 234 2.48 -11.59 -13.84
C LEU A 234 3.13 -11.63 -15.23
N MET A 235 3.70 -10.52 -15.69
CA MET A 235 4.42 -10.49 -16.98
C MET A 235 5.66 -11.40 -16.94
N ASP A 236 6.32 -11.57 -15.81
CA ASP A 236 7.45 -12.52 -15.66
C ASP A 236 6.96 -13.96 -15.69
N LYS A 237 5.77 -14.21 -15.18
CA LYS A 237 5.35 -15.58 -14.83
C LYS A 237 4.70 -16.19 -16.07
N ARG A 238 4.01 -15.40 -16.89
CA ARG A 238 3.13 -15.96 -17.97
C ARG A 238 3.91 -16.27 -19.25
N LYS A 239 3.45 -17.33 -19.95
CA LYS A 239 3.98 -17.73 -21.29
C LYS A 239 3.87 -16.54 -22.23
N ASP A 240 2.74 -15.84 -22.20
CA ASP A 240 2.49 -14.63 -23.02
C ASP A 240 2.32 -13.42 -22.11
N PRO A 241 3.38 -12.61 -21.91
CA PRO A 241 3.29 -11.37 -21.13
C PRO A 241 2.21 -10.35 -21.49
N SER A 242 1.83 -10.25 -22.76
CA SER A 242 0.80 -9.30 -23.26
C SER A 242 -0.60 -9.81 -22.92
N SER A 243 -0.76 -10.97 -22.31
CA SER A 243 -2.07 -11.42 -21.77
C SER A 243 -2.42 -10.64 -20.48
N VAL A 244 -1.52 -9.81 -19.97
CA VAL A 244 -1.77 -9.11 -18.67
C VAL A 244 -2.63 -7.88 -18.97
N ASP A 245 -3.85 -7.86 -18.44
CA ASP A 245 -4.78 -6.72 -18.62
C ASP A 245 -4.85 -5.96 -17.28
N ILE A 246 -4.29 -4.75 -17.27
N ILE A 246 -4.28 -4.76 -17.27
CA ILE A 246 -4.18 -3.91 -16.05
CA ILE A 246 -4.21 -3.87 -16.07
C ILE A 246 -5.58 -3.60 -15.48
C ILE A 246 -5.62 -3.72 -15.48
N LYS A 247 -6.61 -3.44 -16.34
CA LYS A 247 -8.01 -3.17 -15.90
C LYS A 247 -8.54 -4.38 -15.16
N LYS A 248 -8.20 -5.59 -15.60
CA LYS A 248 -8.71 -6.83 -14.95
C LYS A 248 -8.02 -7.02 -13.60
N VAL A 249 -6.72 -6.74 -13.56
CA VAL A 249 -5.95 -6.85 -12.31
C VAL A 249 -6.49 -5.86 -11.28
N LEU A 250 -6.75 -4.63 -11.71
CA LEU A 250 -7.29 -3.61 -10.80
C LEU A 250 -8.63 -4.08 -10.25
N LEU A 251 -9.49 -4.61 -11.11
CA LEU A 251 -10.84 -5.04 -10.69
C LEU A 251 -10.73 -6.18 -9.70
N GLU A 252 -9.80 -7.10 -9.91
N GLU A 252 -9.78 -7.10 -9.88
CA GLU A 252 -9.54 -8.23 -8.97
CA GLU A 252 -9.51 -8.17 -8.90
C GLU A 252 -9.07 -7.66 -7.61
C GLU A 252 -9.12 -7.55 -7.55
N MET A 253 -8.23 -6.62 -7.64
N MET A 253 -8.17 -6.61 -7.53
CA MET A 253 -7.69 -6.01 -6.39
CA MET A 253 -7.69 -6.00 -6.26
C MET A 253 -8.83 -5.29 -5.66
C MET A 253 -8.87 -5.27 -5.60
N ARG A 254 -9.75 -4.68 -6.41
CA ARG A 254 -10.93 -3.96 -5.85
C ARG A 254 -11.94 -4.91 -5.18
N LYS A 255 -11.82 -6.23 -5.34
CA LYS A 255 -12.69 -7.14 -4.54
C LYS A 255 -12.27 -7.11 -3.08
N PHE A 256 -11.02 -6.66 -2.82
CA PHE A 256 -10.40 -6.76 -1.48
C PHE A 256 -10.42 -5.42 -0.73
N ARG A 257 -10.38 -4.32 -1.44
CA ARG A 257 -10.46 -2.98 -0.83
C ARG A 257 -11.02 -2.02 -1.85
N MET A 258 -11.94 -1.17 -1.41
CA MET A 258 -12.64 -0.22 -2.29
C MET A 258 -11.69 0.90 -2.73
N GLY A 259 -11.96 1.45 -3.90
CA GLY A 259 -11.42 2.75 -4.32
C GLY A 259 -9.98 2.71 -4.77
N LEU A 260 -9.37 1.52 -4.89
CA LEU A 260 -7.94 1.48 -5.28
C LEU A 260 -7.80 2.22 -6.60
N ILE A 261 -6.91 3.23 -6.65
CA ILE A 261 -6.67 4.16 -7.79
C ILE A 261 -7.83 5.16 -7.75
N GLN A 262 -7.52 6.39 -7.35
N GLN A 262 -7.54 6.40 -7.36
CA GLN A 262 -8.52 7.40 -6.95
CA GLN A 262 -8.58 7.37 -6.96
C GLN A 262 -8.88 8.31 -8.13
C GLN A 262 -8.81 8.43 -8.06
N THR A 263 -7.98 8.47 -9.09
CA THR A 263 -8.15 9.40 -10.22
C THR A 263 -7.73 8.73 -11.54
N ALA A 264 -8.22 9.31 -12.64
CA ALA A 264 -7.88 8.91 -14.03
C ALA A 264 -6.39 9.12 -14.25
N ASP A 265 -5.82 10.11 -13.56
CA ASP A 265 -4.37 10.41 -13.69
C ASP A 265 -3.57 9.29 -13.00
N GLN A 266 -4.07 8.77 -11.88
CA GLN A 266 -3.38 7.64 -11.20
C GLN A 266 -3.43 6.41 -12.11
N LEU A 267 -4.58 6.20 -12.77
CA LEU A 267 -4.75 5.06 -13.70
C LEU A 267 -3.70 5.17 -14.80
N ARG A 268 -3.64 6.34 -15.45
CA ARG A 268 -2.68 6.64 -16.54
C ARG A 268 -1.25 6.37 -16.05
N PHE A 269 -0.90 6.92 -14.88
CA PHE A 269 0.42 6.73 -14.25
C PHE A 269 0.72 5.23 -14.06
N SER A 270 -0.26 4.44 -13.64
CA SER A 270 -0.08 2.98 -13.40
C SER A 270 0.29 2.31 -14.72
N TYR A 271 -0.40 2.64 -15.80
CA TYR A 271 -0.09 2.08 -17.14
C TYR A 271 1.36 2.38 -17.50
N LEU A 272 1.75 3.66 -17.39
N LEU A 272 1.75 3.66 -17.37
CA LEU A 272 3.11 4.17 -17.71
CA LEU A 272 3.10 4.16 -17.72
C LEU A 272 4.16 3.44 -16.86
C LEU A 272 4.16 3.45 -16.85
N ALA A 273 3.86 3.21 -15.57
CA ALA A 273 4.83 2.55 -14.66
C ALA A 273 5.02 1.11 -15.15
N VAL A 274 3.93 0.43 -15.48
CA VAL A 274 4.00 -1.00 -15.89
C VAL A 274 4.74 -1.08 -17.23
N ILE A 275 4.37 -0.22 -18.19
CA ILE A 275 4.94 -0.21 -19.56
C ILE A 275 6.44 0.02 -19.45
N GLU A 276 6.86 0.98 -18.63
CA GLU A 276 8.28 1.34 -18.48
C GLU A 276 8.98 0.22 -17.72
N GLY A 277 8.36 -0.30 -16.67
CA GLY A 277 8.98 -1.37 -15.88
C GLY A 277 9.21 -2.65 -16.70
N ALA A 278 8.29 -2.99 -17.60
CA ALA A 278 8.37 -4.10 -18.57
C ALA A 278 9.68 -4.04 -19.40
N LYS A 279 10.14 -2.86 -19.82
CA LYS A 279 11.47 -2.71 -20.48
C LYS A 279 12.59 -3.27 -19.58
N PHE A 280 12.69 -2.84 -18.32
CA PHE A 280 13.66 -3.41 -17.33
C PHE A 280 13.34 -4.86 -16.94
N ILE A 281 12.46 -5.58 -17.64
CA ILE A 281 12.03 -6.97 -17.27
C ILE A 281 11.92 -7.83 -18.55
N MET A 282 12.38 -7.32 -19.69
CA MET A 282 12.26 -7.98 -21.03
C MET A 282 13.36 -7.43 -21.94
C TRS B . -12.91 -14.30 1.90
C1 TRS B . -12.15 -15.52 2.41
C2 TRS B . -12.02 -13.34 1.10
C3 TRS B . -13.65 -13.58 3.03
N TRS B . -13.98 -14.79 0.95
O1 TRS B . -11.45 -16.18 1.35
O2 TRS B . -11.30 -12.37 1.84
O3 TRS B . -13.28 -14.01 4.33
H11 TRS B . -12.77 -16.15 2.81
H12 TRS B . -11.50 -15.24 3.09
H21 TRS B . -12.58 -12.88 0.44
H22 TRS B . -11.37 -13.87 0.60
H31 TRS B . -14.61 -13.71 2.92
H32 TRS B . -13.47 -12.63 2.96
HN1 TRS B . -14.80 -14.72 1.31
HN2 TRS B . -13.83 -15.66 0.75
HN3 TRS B . -13.96 -14.32 0.17
HO1 TRS B . -11.04 -16.85 1.65
HO2 TRS B . -10.87 -11.89 1.31
HO3 TRS B . -13.72 -14.76 4.51
C10 JKA C . -6.85 15.10 -17.60
C13 JKA C . -6.50 12.77 -16.29
C01 JKA C . -9.15 14.03 -21.06
S02 JKA C . -8.53 12.59 -20.35
O03 JKA C . -9.45 11.91 -19.49
O04 JKA C . -7.88 11.74 -21.28
N05 JKA C . -7.40 13.40 -19.40
C06 JKA C . -5.98 12.89 -19.42
C07 JKA C . -5.08 14.04 -19.05
O08 JKA C . -3.74 13.60 -18.93
C09 JKA C . -5.44 14.65 -17.70
C11 JKA C . -7.77 14.00 -18.07
C12 JKA C . -7.78 12.82 -17.10
C14 JKA C . -5.24 13.64 -16.57
O15 JKA C . -4.19 12.77 -16.74
H101 JKA C . -6.79 15.37 -16.56
H102 JKA C . -6.76 15.98 -18.32
H131 JKA C . -6.39 11.69 -16.51
H132 JKA C . -6.98 13.23 -15.44
H011 JKA C . -8.98 14.24 -22.15
H012 JKA C . -8.80 14.97 -20.62
H013 JKA C . -10.24 14.17 -21.06
H062 JKA C . -5.88 12.63 -20.46
H061 JKA C . -5.92 11.93 -18.82
H071 JKA C . -5.23 14.99 -19.59
H081 JKA C . -3.39 13.93 -18.05
H091 JKA C . -4.80 15.52 -17.40
H111 JKA C . -8.79 14.39 -18.09
H122 JKA C . -8.58 13.02 -16.38
H121 JKA C . -7.83 11.79 -17.52
H141 JKA C . -5.19 14.58 -15.92
H151 JKA C . -4.55 11.85 -16.45
#